data_5Y61
#
_entry.id   5Y61
#
_cell.length_a   49.595
_cell.length_b   58.422
_cell.length_c   69.869
_cell.angle_alpha   107.39
_cell.angle_beta   97.28
_cell.angle_gamma   89.90
#
_symmetry.space_group_name_H-M   'P 1'
#
loop_
_entity.id
_entity.type
_entity.pdbx_description
1 polymer YfiR
2 polymer YfiB
3 non-polymer "GUANOSINE-5'-MONOPHOSPHATE"
#
loop_
_entity_poly.entity_id
_entity_poly.type
_entity_poly.pdbx_seq_one_letter_code
_entity_poly.pdbx_strand_id
1 'polypeptide(L)'
;GGSDDARTSIEQRSNAVSQVLLGIFSYVRWPKEPAVLQLCVVGPTEYADGLLRG(MSE)VQANGRRVHAERRAVDNPDLG
TLCNVIYLGVVDERERQQVFRSLAGHPVLSISERGTECSVGS(MSE)FCLNVGGPRITFEANLDSIARSGVRVHPSVLKL
ARRQATP
;
A,C
2 'polypeptide(L)'
;GGSGLSAEQIAVLQEQGFELRDEGWEFGMSSKVLFGNNLDRLNPDSRNTLTKIARALLAVDIDKVRLEGHTDNYGDEGYN
QKLSERRAESVAAVFREAGMPAANIEVRGLGMSKPVADNKTRAGRSENRRVAIIVPAE
;
B,D
#
loop_
_chem_comp.id
_chem_comp.type
_chem_comp.name
_chem_comp.formula
5GP non-polymer GUANOSINE-5'-MONOPHOSPHATE 'C10 H14 N5 O8 P'
#
# COMPACT_ATOMS: atom_id res chain seq x y z
N ARG A 7 -2.33 -18.15 -14.07
CA ARG A 7 -1.61 -17.27 -13.16
C ARG A 7 -0.59 -18.03 -12.31
N THR A 8 -0.20 -17.44 -11.18
CA THR A 8 0.85 -18.01 -10.31
C THR A 8 0.50 -17.92 -8.80
N SER A 9 1.49 -18.13 -7.93
CA SER A 9 1.31 -18.09 -6.48
C SER A 9 2.14 -16.97 -5.82
N ILE A 10 1.65 -16.42 -4.70
CA ILE A 10 2.42 -15.39 -4.00
C ILE A 10 3.80 -15.94 -3.69
N GLU A 11 3.82 -17.20 -3.28
CA GLU A 11 5.05 -17.91 -2.98
C GLU A 11 6.03 -17.82 -4.13
N GLN A 12 5.62 -18.41 -5.25
CA GLN A 12 6.42 -18.43 -6.46
C GLN A 12 6.91 -17.04 -6.84
N ARG A 13 5.98 -16.09 -6.87
CA ARG A 13 6.26 -14.73 -7.33
C ARG A 13 7.27 -13.98 -6.46
N SER A 14 7.21 -14.23 -5.15
CA SER A 14 8.20 -13.72 -4.21
C SER A 14 9.63 -14.15 -4.63
N ASN A 15 9.80 -15.45 -4.83
CA ASN A 15 11.08 -16.02 -5.18
C ASN A 15 11.53 -15.49 -6.54
N ALA A 16 10.58 -15.09 -7.35
CA ALA A 16 10.87 -14.55 -8.68
C ALA A 16 11.44 -13.13 -8.55
N VAL A 17 10.82 -12.32 -7.71
CA VAL A 17 11.35 -11.02 -7.36
C VAL A 17 12.79 -11.17 -6.86
N SER A 18 13.04 -12.18 -6.03
CA SER A 18 14.40 -12.48 -5.61
C SER A 18 15.38 -12.60 -6.79
N GLN A 19 14.98 -13.38 -7.80
CA GLN A 19 15.86 -13.73 -8.92
C GLN A 19 16.08 -12.57 -9.88
N VAL A 20 15.01 -11.82 -10.14
CA VAL A 20 15.12 -10.67 -11.05
C VAL A 20 15.88 -9.54 -10.38
N LEU A 21 15.69 -9.36 -9.07
CA LEU A 21 16.52 -8.40 -8.34
C LEU A 21 17.98 -8.75 -8.47
N LEU A 22 18.30 -10.00 -8.11
CA LEU A 22 19.69 -10.49 -8.14
C LEU A 22 20.35 -10.31 -9.48
N GLY A 23 19.58 -10.44 -10.56
CA GLY A 23 20.09 -10.14 -11.87
C GLY A 23 20.47 -8.66 -11.98
N ILE A 24 19.52 -7.79 -11.66
CA ILE A 24 19.78 -6.37 -11.78
C ILE A 24 21.04 -5.93 -11.02
N PHE A 25 21.26 -6.53 -9.85
CA PHE A 25 22.41 -6.14 -9.05
C PHE A 25 23.69 -6.31 -9.83
N SER A 26 23.72 -7.28 -10.74
CA SER A 26 24.96 -7.64 -11.41
C SER A 26 25.35 -6.60 -12.45
N TYR A 27 24.39 -5.78 -12.86
CA TYR A 27 24.68 -4.75 -13.84
C TYR A 27 24.96 -3.42 -13.16
N VAL A 28 24.99 -3.42 -11.83
CA VAL A 28 25.17 -2.18 -11.07
C VAL A 28 26.56 -2.10 -10.44
N ARG A 29 27.12 -0.90 -10.32
CA ARG A 29 28.38 -0.71 -9.61
C ARG A 29 28.30 0.38 -8.57
N TRP A 30 28.64 0.06 -7.33
CA TRP A 30 28.81 1.08 -6.30
C TRP A 30 30.19 1.67 -6.42
N PRO A 31 30.28 2.99 -6.27
CA PRO A 31 31.58 3.61 -6.48
C PRO A 31 32.51 3.10 -5.40
N LYS A 32 32.06 3.00 -4.16
CA LYS A 32 32.83 2.32 -3.11
C LYS A 32 32.13 1.06 -2.62
N GLU A 33 32.24 0.02 -3.45
CA GLU A 33 31.63 -1.28 -3.20
C GLU A 33 31.81 -1.90 -1.78
N PRO A 34 30.70 -2.00 -1.03
CA PRO A 34 30.71 -2.53 0.34
C PRO A 34 30.90 -4.04 0.36
N ALA A 35 31.27 -4.56 1.52
CA ALA A 35 31.57 -5.98 1.68
C ALA A 35 30.30 -6.82 1.79
N VAL A 36 29.28 -6.24 2.44
CA VAL A 36 27.96 -6.83 2.45
C VAL A 36 26.98 -5.84 1.88
N LEU A 37 26.20 -6.25 0.89
CA LEU A 37 25.23 -5.36 0.28
C LEU A 37 24.09 -5.27 1.26
N GLN A 38 23.70 -4.04 1.55
CA GLN A 38 22.63 -3.78 2.50
C GLN A 38 21.35 -3.44 1.77
N LEU A 39 20.34 -4.30 1.91
CA LEU A 39 19.09 -4.18 1.16
C LEU A 39 18.01 -3.75 2.12
N CYS A 40 17.38 -2.62 1.83
CA CYS A 40 16.33 -2.16 2.71
C CYS A 40 14.94 -2.22 2.05
N VAL A 41 14.07 -3.01 2.67
CA VAL A 41 12.71 -3.15 2.21
C VAL A 41 11.87 -2.14 2.96
N VAL A 42 11.28 -1.22 2.22
CA VAL A 42 10.70 -0.06 2.87
C VAL A 42 9.24 0.17 2.53
N GLY A 43 8.41 0.10 3.56
CA GLY A 43 6.99 0.28 3.40
C GLY A 43 6.34 -1.06 3.15
N PRO A 44 5.05 -1.04 2.81
CA PRO A 44 4.21 -2.22 2.58
C PRO A 44 4.66 -2.99 1.37
N THR A 45 4.94 -4.28 1.53
CA THR A 45 5.29 -5.09 0.37
C THR A 45 4.48 -6.39 0.28
N GLU A 46 4.19 -6.83 -0.93
CA GLU A 46 3.56 -8.12 -1.12
C GLU A 46 4.59 -9.21 -1.39
N TYR A 47 5.62 -8.89 -2.17
CA TYR A 47 6.56 -9.93 -2.59
C TYR A 47 8.00 -9.82 -2.08
N ALA A 48 8.22 -9.16 -0.95
CA ALA A 48 9.58 -9.09 -0.39
C ALA A 48 9.89 -10.16 0.67
N ASP A 49 9.03 -11.16 0.83
CA ASP A 49 9.31 -12.16 1.83
C ASP A 49 10.60 -12.93 1.53
N GLY A 50 10.79 -13.26 0.26
CA GLY A 50 12.00 -13.93 -0.21
C GLY A 50 13.29 -13.19 0.11
N LEU A 51 13.40 -11.98 -0.40
CA LEU A 51 14.54 -11.09 -0.12
C LEU A 51 14.81 -10.91 1.38
N LEU A 52 13.76 -11.01 2.18
CA LEU A 52 13.89 -10.79 3.59
C LEU A 52 14.56 -11.98 4.23
N ARG A 53 14.58 -13.10 3.52
CA ARG A 53 15.36 -14.24 3.98
C ARG A 53 16.87 -14.03 3.79
N GLY A 54 17.25 -13.01 3.00
CA GLY A 54 18.66 -12.77 2.70
C GLY A 54 19.07 -13.49 1.44
N MSE A 55 20.14 -13.03 0.81
CA MSE A 55 20.58 -13.60 -0.45
C MSE A 55 22.11 -13.57 -0.54
O MSE A 55 22.77 -12.95 0.29
CB MSE A 55 19.99 -12.82 -1.61
CG MSE A 55 18.50 -13.05 -1.84
SE MSE A 55 17.73 -11.97 -3.28
CE MSE A 55 18.60 -10.28 -2.81
N VAL A 56 22.67 -14.23 -1.54
CA VAL A 56 24.10 -14.08 -1.79
C VAL A 56 24.31 -13.89 -3.28
N GLN A 57 25.22 -13.01 -3.63
CA GLN A 57 25.43 -12.72 -5.04
C GLN A 57 26.28 -13.78 -5.72
N ALA A 58 26.34 -13.72 -7.04
CA ALA A 58 27.14 -14.65 -7.79
C ALA A 58 28.60 -14.37 -7.57
N ASN A 59 28.90 -13.16 -7.09
CA ASN A 59 30.28 -12.68 -6.99
C ASN A 59 30.83 -12.81 -5.58
N GLY A 60 30.15 -13.60 -4.76
CA GLY A 60 30.62 -13.86 -3.41
C GLY A 60 29.84 -13.08 -2.38
N ARG A 61 29.46 -11.85 -2.71
CA ARG A 61 28.88 -10.95 -1.71
C ARG A 61 27.51 -11.38 -1.21
N ARG A 62 27.33 -11.36 0.10
CA ARG A 62 26.01 -11.64 0.66
C ARG A 62 25.15 -10.37 0.71
N VAL A 63 23.85 -10.60 0.58
CA VAL A 63 22.86 -9.53 0.68
C VAL A 63 22.17 -9.59 2.03
N HIS A 64 22.37 -8.56 2.83
CA HIS A 64 21.76 -8.47 4.14
C HIS A 64 20.56 -7.58 4.00
N ALA A 65 19.38 -8.12 4.32
CA ALA A 65 18.15 -7.42 4.04
C ALA A 65 17.30 -7.21 5.29
N GLU A 66 16.96 -5.96 5.58
CA GLU A 66 15.98 -5.71 6.61
C GLU A 66 14.88 -4.85 6.11
N ARG A 67 13.77 -4.91 6.84
CA ARG A 67 12.61 -4.06 6.60
C ARG A 67 12.91 -2.75 7.28
N ARG A 68 12.66 -1.63 6.60
CA ARG A 68 12.88 -0.33 7.23
C ARG A 68 11.72 0.68 7.12
N ALA A 69 11.74 1.69 8.00
CA ALA A 69 10.62 2.63 8.16
C ALA A 69 10.71 3.85 7.26
N VAL A 70 9.56 4.20 6.70
CA VAL A 70 9.44 5.27 5.73
C VAL A 70 10.00 6.59 6.26
N ASP A 71 9.83 6.82 7.55
CA ASP A 71 10.21 8.09 8.12
C ASP A 71 11.56 8.02 8.79
N ASN A 72 12.39 7.05 8.36
CA ASN A 72 13.80 7.07 8.72
C ASN A 72 14.55 8.01 7.78
N PRO A 73 15.25 8.99 8.36
CA PRO A 73 16.00 9.98 7.60
C PRO A 73 17.27 9.41 7.00
N ASP A 74 17.90 8.48 7.69
CA ASP A 74 19.24 8.04 7.32
C ASP A 74 19.27 6.80 6.42
N LEU A 75 18.15 6.53 5.77
CA LEU A 75 18.05 5.44 4.81
C LEU A 75 19.19 5.41 3.82
N GLY A 76 19.63 6.59 3.39
CA GLY A 76 20.62 6.70 2.35
C GLY A 76 21.98 6.18 2.70
N THR A 77 22.33 6.20 3.98
CA THR A 77 23.59 5.65 4.44
C THR A 77 23.39 4.24 4.97
N LEU A 78 22.15 3.87 5.26
CA LEU A 78 21.90 2.58 5.88
C LEU A 78 21.74 1.51 4.83
N CYS A 79 21.35 1.93 3.63
CA CYS A 79 20.99 0.99 2.57
C CYS A 79 21.76 1.25 1.26
N ASN A 80 22.19 0.17 0.62
CA ASN A 80 22.79 0.25 -0.71
C ASN A 80 21.69 0.03 -1.73
N VAL A 81 20.74 -0.84 -1.37
CA VAL A 81 19.62 -1.19 -2.23
C VAL A 81 18.28 -1.02 -1.53
N ILE A 82 17.47 -0.13 -2.05
CA ILE A 82 16.15 0.04 -1.49
C ILE A 82 15.11 -0.55 -2.43
N TYR A 83 14.29 -1.45 -1.87
CA TYR A 83 13.15 -2.03 -2.55
C TYR A 83 11.97 -1.34 -1.90
N LEU A 84 11.32 -0.46 -2.65
CA LEU A 84 10.34 0.46 -2.10
C LEU A 84 8.95 -0.13 -2.21
N GLY A 85 8.21 -0.10 -1.10
CA GLY A 85 6.88 -0.68 -1.08
C GLY A 85 5.81 0.33 -1.46
N VAL A 86 4.59 0.13 -0.97
CA VAL A 86 3.51 1.06 -1.29
C VAL A 86 3.63 2.38 -0.53
N VAL A 87 3.74 3.48 -1.24
CA VAL A 87 3.85 4.76 -0.56
C VAL A 87 3.01 5.80 -1.26
N ASP A 88 2.44 6.71 -0.48
CA ASP A 88 1.77 7.82 -1.13
C ASP A 88 2.82 8.81 -1.57
N GLU A 89 2.39 9.84 -2.29
CA GLU A 89 3.30 10.78 -2.92
C GLU A 89 4.18 11.50 -1.93
N ARG A 90 3.65 11.74 -0.73
CA ARG A 90 4.37 12.52 0.25
C ARG A 90 5.45 11.67 0.84
N GLU A 91 5.09 10.44 1.17
CA GLU A 91 6.02 9.48 1.75
C GLU A 91 7.17 9.22 0.81
N ARG A 92 6.83 9.01 -0.46
CA ARG A 92 7.79 8.73 -1.50
C ARG A 92 8.81 9.84 -1.60
N GLN A 93 8.35 11.07 -1.39
CA GLN A 93 9.24 12.21 -1.44
C GLN A 93 10.21 12.17 -0.28
N GLN A 94 9.67 11.89 0.90
CA GLN A 94 10.50 11.83 2.08
C GLN A 94 11.64 10.86 1.86
N VAL A 95 11.29 9.65 1.42
CA VAL A 95 12.25 8.58 1.27
C VAL A 95 13.33 8.98 0.30
N PHE A 96 12.95 9.63 -0.80
CA PHE A 96 13.95 10.00 -1.79
C PHE A 96 14.78 11.20 -1.43
N ARG A 97 14.34 11.93 -0.40
CA ARG A 97 15.17 12.93 0.24
C ARG A 97 16.14 12.22 1.17
N SER A 98 15.71 11.10 1.78
CA SER A 98 16.60 10.27 2.60
C SER A 98 17.80 9.77 1.79
N LEU A 99 17.59 9.47 0.52
CA LEU A 99 18.60 8.87 -0.31
C LEU A 99 19.41 9.90 -1.10
N ALA A 100 18.78 11.03 -1.40
CA ALA A 100 19.35 12.08 -2.24
C ALA A 100 20.82 12.34 -1.90
N GLY A 101 21.70 12.06 -2.86
CA GLY A 101 23.14 12.20 -2.66
C GLY A 101 23.88 10.87 -2.61
N HIS A 102 23.48 10.01 -1.68
CA HIS A 102 24.15 8.74 -1.45
C HIS A 102 23.86 7.78 -2.57
N PRO A 103 24.90 7.05 -3.05
CA PRO A 103 24.80 5.99 -4.06
C PRO A 103 23.91 4.86 -3.58
N VAL A 104 22.65 4.87 -4.03
CA VAL A 104 21.65 3.88 -3.62
C VAL A 104 20.78 3.44 -4.79
N LEU A 105 20.74 2.13 -5.06
CA LEU A 105 19.92 1.61 -6.15
C LEU A 105 18.50 1.59 -5.65
N SER A 106 17.50 1.75 -6.51
CA SER A 106 16.13 1.79 -6.03
C SER A 106 15.16 1.09 -6.97
N ILE A 107 14.28 0.27 -6.39
CA ILE A 107 13.39 -0.62 -7.13
C ILE A 107 12.01 -0.73 -6.45
N SER A 108 10.94 -0.52 -7.22
CA SER A 108 9.60 -0.57 -6.67
C SER A 108 8.93 -1.91 -6.91
N GLU A 109 8.05 -2.31 -5.99
CA GLU A 109 7.26 -3.51 -6.19
C GLU A 109 6.19 -3.33 -7.25
N ARG A 110 5.66 -2.11 -7.33
CA ARG A 110 4.64 -1.82 -8.31
C ARG A 110 5.17 -0.88 -9.38
N GLY A 111 4.59 -0.96 -10.56
CA GLY A 111 5.18 -0.32 -11.70
C GLY A 111 4.38 0.86 -12.19
N THR A 112 3.54 1.41 -11.32
CA THR A 112 2.68 2.53 -11.70
C THR A 112 3.36 3.85 -11.39
N GLU A 113 4.31 3.78 -10.46
CA GLU A 113 4.97 4.97 -9.95
C GLU A 113 6.40 5.05 -10.45
N CYS A 114 6.57 5.39 -11.72
CA CYS A 114 7.89 5.41 -12.35
C CYS A 114 8.21 6.70 -13.11
N SER A 115 7.64 7.82 -12.68
CA SER A 115 7.83 9.07 -13.38
C SER A 115 8.89 9.89 -12.67
N VAL A 116 8.83 9.86 -11.34
CA VAL A 116 9.97 10.28 -10.53
C VAL A 116 10.15 9.26 -9.44
N GLY A 117 11.36 9.12 -8.94
CA GLY A 117 11.64 8.21 -7.84
C GLY A 117 12.57 7.07 -8.22
N SER A 118 12.03 5.88 -8.28
CA SER A 118 12.87 4.71 -8.44
C SER A 118 13.46 4.60 -9.83
N MSE A 119 14.60 3.90 -9.88
CA MSE A 119 15.26 3.58 -11.12
C MSE A 119 14.48 2.51 -11.88
O MSE A 119 14.21 2.68 -13.06
CB MSE A 119 16.67 3.12 -10.83
CG MSE A 119 17.54 4.24 -10.38
SE MSE A 119 18.92 3.70 -9.15
CE MSE A 119 18.39 4.92 -7.73
N PHE A 120 14.13 1.43 -11.18
CA PHE A 120 13.34 0.33 -11.74
C PHE A 120 11.99 0.15 -11.05
N CYS A 121 10.97 -0.19 -11.83
CA CYS A 121 9.64 -0.41 -11.32
C CYS A 121 9.10 -1.73 -11.80
N LEU A 122 8.74 -2.61 -10.88
CA LEU A 122 8.40 -3.96 -11.25
C LEU A 122 6.94 -4.16 -11.67
N ASN A 123 6.71 -5.06 -12.59
CA ASN A 123 5.36 -5.49 -12.87
C ASN A 123 5.30 -6.97 -12.52
N VAL A 124 4.64 -7.28 -11.40
CA VAL A 124 4.77 -8.61 -10.80
C VAL A 124 3.61 -9.59 -10.98
N GLY A 125 2.39 -9.10 -11.08
CA GLY A 125 1.31 -10.00 -11.44
C GLY A 125 1.57 -10.43 -12.86
N GLY A 126 0.98 -11.54 -13.29
CA GLY A 126 1.10 -11.94 -14.68
C GLY A 126 2.24 -12.90 -14.96
N PRO A 127 2.19 -13.56 -16.13
CA PRO A 127 2.93 -14.77 -16.50
C PRO A 127 4.45 -14.64 -16.46
N ARG A 128 4.97 -13.41 -16.42
CA ARG A 128 6.39 -13.17 -16.23
C ARG A 128 6.56 -11.83 -15.54
N ILE A 129 7.71 -11.66 -14.88
CA ILE A 129 8.00 -10.41 -14.19
C ILE A 129 8.72 -9.47 -15.13
N THR A 130 8.25 -8.23 -15.22
CA THR A 130 8.96 -7.22 -15.99
C THR A 130 9.18 -6.00 -15.13
N PHE A 131 9.72 -4.98 -15.76
CA PHE A 131 9.86 -3.69 -15.10
C PHE A 131 10.00 -2.50 -16.08
N GLU A 132 9.61 -1.32 -15.61
CA GLU A 132 9.95 -0.10 -16.32
C GLU A 132 11.22 0.52 -15.73
N ALA A 133 11.96 1.22 -16.55
CA ALA A 133 13.21 1.83 -16.13
C ALA A 133 13.20 3.32 -16.45
N ASN A 134 13.62 4.12 -15.47
CA ASN A 134 13.67 5.56 -15.58
C ASN A 134 15.13 5.98 -15.50
N LEU A 135 15.66 6.48 -16.60
CA LEU A 135 17.09 6.73 -16.73
C LEU A 135 17.54 8.05 -16.15
N ASP A 136 16.65 9.04 -16.10
CA ASP A 136 16.87 10.25 -15.33
C ASP A 136 17.11 9.82 -13.89
N SER A 137 16.18 9.01 -13.39
CA SER A 137 16.28 8.44 -12.05
C SER A 137 17.60 7.71 -11.89
N ILE A 138 17.96 6.92 -12.91
CA ILE A 138 19.21 6.18 -12.89
C ILE A 138 20.40 7.13 -12.87
N ALA A 139 20.40 8.10 -13.78
CA ALA A 139 21.49 9.08 -13.89
C ALA A 139 21.67 9.85 -12.59
N ARG A 140 20.56 10.15 -11.94
CA ARG A 140 20.58 10.85 -10.66
C ARG A 140 21.10 9.98 -9.51
N SER A 141 20.81 8.68 -9.58
CA SER A 141 21.19 7.71 -8.52
C SER A 141 22.56 7.86 -7.88
N GLY A 142 23.57 8.02 -8.70
CA GLY A 142 24.93 8.05 -8.19
C GLY A 142 25.52 6.67 -8.08
N VAL A 143 24.84 5.68 -8.66
CA VAL A 143 25.43 4.36 -8.87
C VAL A 143 25.52 4.15 -10.36
N ARG A 144 26.48 3.35 -10.79
CA ARG A 144 26.67 3.07 -12.22
C ARG A 144 25.86 1.86 -12.66
N VAL A 145 24.90 2.08 -13.55
CA VAL A 145 24.06 1.01 -14.07
C VAL A 145 24.26 0.83 -15.56
N HIS A 146 24.59 -0.40 -15.97
CA HIS A 146 24.82 -0.71 -17.39
C HIS A 146 23.55 -0.99 -18.20
N PRO A 147 23.48 -0.41 -19.41
CA PRO A 147 22.25 -0.47 -20.22
C PRO A 147 21.78 -1.88 -20.55
N SER A 148 22.68 -2.85 -20.62
CA SER A 148 22.26 -4.19 -21.04
C SER A 148 21.37 -4.89 -19.99
N VAL A 149 21.12 -4.21 -18.88
CA VAL A 149 20.29 -4.75 -17.82
C VAL A 149 18.86 -4.77 -18.33
N LEU A 150 18.60 -3.93 -19.33
CA LEU A 150 17.25 -3.78 -19.86
C LEU A 150 16.78 -5.04 -20.59
N LYS A 151 17.69 -6.00 -20.75
CA LYS A 151 17.37 -7.29 -21.33
C LYS A 151 16.60 -8.17 -20.35
N LEU A 152 16.63 -7.84 -19.08
CA LEU A 152 15.97 -8.68 -18.08
C LEU A 152 14.47 -8.48 -18.15
N ALA A 153 14.05 -7.30 -18.61
CA ALA A 153 12.63 -6.97 -18.61
C ALA A 153 11.91 -7.56 -19.82
N ARG A 154 12.61 -7.64 -20.96
CA ARG A 154 12.01 -8.10 -22.20
C ARG A 154 12.36 -9.56 -22.47
N ARG A 155 13.23 -10.15 -21.65
CA ARG A 155 13.59 -11.55 -21.80
C ARG A 155 12.43 -12.40 -21.34
N GLN A 156 11.61 -11.80 -20.47
CA GLN A 156 10.46 -12.49 -19.90
C GLN A 156 9.15 -11.94 -20.49
N ALA A 157 9.21 -10.73 -21.05
CA ALA A 157 8.09 -10.18 -21.81
C ALA A 157 7.98 -10.86 -23.18
N THR A 158 9.03 -11.60 -23.53
CA THR A 158 9.04 -12.43 -24.73
C THR A 158 8.79 -13.90 -24.35
N PRO A 159 7.71 -14.49 -24.88
CA PRO A 159 7.33 -15.89 -24.60
C PRO A 159 8.41 -16.88 -25.03
N GLU B 15 22.65 -13.27 -13.81
CA GLU B 15 23.67 -12.41 -13.23
C GLU B 15 24.86 -12.24 -14.16
N GLN B 16 24.60 -12.35 -15.46
CA GLN B 16 25.65 -12.23 -16.47
C GLN B 16 26.33 -10.87 -16.50
N GLY B 17 25.85 -9.94 -15.68
CA GLY B 17 26.28 -8.54 -15.70
C GLY B 17 27.62 -8.29 -15.01
N PHE B 18 28.11 -9.35 -14.38
CA PHE B 18 29.35 -9.28 -13.64
C PHE B 18 30.55 -9.33 -14.57
N GLU B 19 30.35 -9.90 -15.76
CA GLU B 19 31.43 -10.05 -16.72
C GLU B 19 31.73 -8.73 -17.43
N LEU B 20 30.93 -7.69 -17.15
CA LEU B 20 31.03 -6.41 -17.86
C LEU B 20 32.27 -5.56 -17.53
N ARG B 21 33.12 -5.32 -18.49
CA ARG B 21 34.30 -4.54 -18.26
C ARG B 21 33.92 -3.10 -18.34
N ASP B 22 34.74 -2.24 -18.95
CA ASP B 22 34.55 -0.80 -18.86
C ASP B 22 33.69 -0.22 -19.95
N GLU B 23 33.08 -1.07 -20.74
CA GLU B 23 32.47 -0.63 -21.97
C GLU B 23 30.99 -0.21 -21.85
N GLY B 24 30.66 0.93 -22.45
CA GLY B 24 29.27 1.32 -22.69
C GLY B 24 28.42 1.79 -21.53
N TRP B 25 29.00 2.45 -20.54
CA TRP B 25 28.23 2.87 -19.40
C TRP B 25 27.75 4.28 -19.62
N GLU B 26 26.68 4.39 -20.40
CA GLU B 26 26.20 5.69 -20.84
C GLU B 26 24.99 6.16 -20.01
N PHE B 27 24.88 5.70 -18.77
CA PHE B 27 23.79 6.19 -17.92
C PHE B 27 24.25 6.93 -16.69
N GLY B 28 25.40 7.61 -16.79
CA GLY B 28 25.98 8.29 -15.65
C GLY B 28 25.37 9.66 -15.42
N MET B 29 25.88 10.37 -14.41
CA MET B 29 25.44 11.73 -14.11
C MET B 29 25.35 12.67 -15.34
N SER B 30 26.23 12.48 -16.31
CA SER B 30 26.29 13.32 -17.50
C SER B 30 25.05 13.15 -18.33
N SER B 31 24.45 11.98 -18.26
CA SER B 31 23.32 11.61 -19.12
C SER B 31 21.99 12.34 -18.81
N LYS B 32 21.98 13.22 -17.81
CA LYS B 32 20.76 13.98 -17.54
C LYS B 32 20.39 14.87 -18.74
N VAL B 33 19.11 14.94 -19.07
CA VAL B 33 18.67 15.77 -20.16
C VAL B 33 18.02 17.03 -19.59
N LEU B 34 18.80 18.08 -19.44
CA LEU B 34 18.30 19.29 -18.83
C LEU B 34 18.09 20.42 -19.85
N PHE B 35 17.22 21.36 -19.48
CA PHE B 35 16.92 22.47 -20.35
C PHE B 35 17.12 23.79 -19.61
N GLY B 36 17.49 24.82 -20.36
CA GLY B 36 17.63 26.16 -19.82
C GLY B 36 16.25 26.73 -19.52
N ASN B 37 16.21 27.78 -18.70
CA ASN B 37 14.96 28.43 -18.33
C ASN B 37 14.19 28.80 -19.57
N ASN B 38 13.00 28.21 -19.69
CA ASN B 38 12.05 28.56 -20.72
C ASN B 38 12.46 28.09 -22.11
N LEU B 39 13.63 27.48 -22.23
CA LEU B 39 14.08 26.94 -23.51
C LEU B 39 13.57 25.52 -23.71
N ASP B 40 13.19 25.16 -24.92
CA ASP B 40 12.76 23.80 -25.19
C ASP B 40 13.63 23.05 -26.20
N ARG B 41 14.83 23.57 -26.46
CA ARG B 41 15.70 22.98 -27.48
C ARG B 41 17.08 22.59 -26.96
N LEU B 42 17.59 21.50 -27.50
CA LEU B 42 18.73 20.82 -26.94
C LEU B 42 20.07 21.40 -27.32
N ASN B 43 20.73 22.05 -26.36
CA ASN B 43 22.15 22.37 -26.52
C ASN B 43 22.86 21.12 -27.01
N PRO B 44 23.74 21.28 -28.00
CA PRO B 44 24.44 20.16 -28.65
C PRO B 44 25.21 19.25 -27.69
N ASP B 45 25.41 19.67 -26.45
CA ASP B 45 25.98 18.78 -25.45
C ASP B 45 24.97 17.66 -25.23
N SER B 46 23.76 18.03 -24.85
CA SER B 46 22.67 17.08 -24.62
C SER B 46 22.24 16.35 -25.90
N ARG B 47 22.26 17.05 -27.04
CA ARG B 47 21.96 16.43 -28.32
C ARG B 47 22.83 15.21 -28.53
N ASN B 48 24.09 15.32 -28.13
CA ASN B 48 24.99 14.21 -28.28
C ASN B 48 24.73 13.14 -27.22
N THR B 49 24.60 13.60 -25.98
CA THR B 49 24.23 12.73 -24.87
C THR B 49 23.13 11.79 -25.32
N LEU B 50 22.11 12.38 -25.94
CA LEU B 50 20.93 11.65 -26.41
C LEU B 50 21.23 10.59 -27.46
N THR B 51 21.99 10.99 -28.48
CA THR B 51 22.42 10.07 -29.53
C THR B 51 23.14 8.88 -28.93
N LYS B 52 24.11 9.15 -28.06
CA LYS B 52 24.74 8.08 -27.27
C LYS B 52 23.67 7.16 -26.67
N ILE B 53 22.80 7.75 -25.86
CA ILE B 53 21.74 6.99 -25.21
C ILE B 53 20.90 6.21 -26.21
N ALA B 54 20.49 6.88 -27.26
CA ALA B 54 19.57 6.25 -28.20
C ALA B 54 20.24 5.09 -28.91
N ARG B 55 21.54 5.26 -29.18
CA ARG B 55 22.33 4.18 -29.77
C ARG B 55 22.46 3.05 -28.77
N ALA B 56 22.67 3.43 -27.51
CA ALA B 56 22.82 2.47 -26.41
C ALA B 56 21.58 1.59 -26.22
N LEU B 57 20.40 2.19 -26.37
CA LEU B 57 19.15 1.43 -26.28
C LEU B 57 18.92 0.47 -27.44
N LEU B 58 19.37 0.86 -28.64
CA LEU B 58 19.11 0.06 -29.83
C LEU B 58 19.97 -1.20 -29.88
N ALA B 59 21.18 -1.08 -29.34
CA ALA B 59 22.17 -2.15 -29.33
C ALA B 59 21.72 -3.31 -28.44
N VAL B 60 20.73 -3.05 -27.61
CA VAL B 60 20.23 -4.06 -26.70
C VAL B 60 18.80 -4.47 -27.09
N ASP B 61 18.42 -4.07 -28.29
CA ASP B 61 17.16 -4.46 -28.94
C ASP B 61 15.91 -3.80 -28.36
N ILE B 62 16.11 -2.76 -27.56
CA ILE B 62 15.02 -1.92 -27.13
C ILE B 62 14.73 -0.92 -28.24
N ASP B 63 13.48 -0.82 -28.67
CA ASP B 63 13.15 0.05 -29.78
C ASP B 63 11.99 0.96 -29.42
N LYS B 64 11.72 1.13 -28.14
CA LYS B 64 10.50 1.80 -27.72
C LYS B 64 10.65 2.42 -26.35
N VAL B 65 10.36 3.72 -26.25
CA VAL B 65 10.52 4.44 -24.98
C VAL B 65 9.39 5.42 -24.78
N ARG B 66 9.25 5.91 -23.56
CA ARG B 66 8.32 7.00 -23.26
C ARG B 66 9.04 8.25 -22.77
N LEU B 67 8.76 9.37 -23.40
CA LEU B 67 9.48 10.60 -23.07
C LEU B 67 8.58 11.54 -22.28
N GLU B 68 9.00 11.88 -21.06
CA GLU B 68 8.17 12.68 -20.18
C GLU B 68 8.84 14.01 -19.86
N GLY B 69 8.21 15.11 -20.25
CA GLY B 69 8.82 16.41 -20.07
C GLY B 69 8.32 17.15 -18.85
N HIS B 70 9.21 17.88 -18.19
CA HIS B 70 8.85 18.58 -16.96
C HIS B 70 9.32 20.02 -17.01
N THR B 71 8.66 20.90 -16.28
CA THR B 71 9.23 22.23 -16.11
C THR B 71 9.59 22.41 -14.68
N ASP B 72 10.27 23.50 -14.37
CA ASP B 72 10.43 23.90 -12.99
C ASP B 72 9.17 24.64 -12.56
N ASN B 73 9.34 25.49 -11.56
CA ASN B 73 8.26 26.12 -10.87
C ASN B 73 7.67 27.38 -11.48
N TYR B 74 8.54 28.28 -11.93
CA TYR B 74 8.10 29.55 -12.45
C TYR B 74 7.18 29.39 -13.67
N GLY B 75 6.08 30.12 -13.65
CA GLY B 75 5.11 30.10 -14.74
C GLY B 75 3.75 29.65 -14.25
N ASP B 76 2.74 29.79 -15.11
CA ASP B 76 1.43 29.19 -14.85
C ASP B 76 1.41 27.81 -15.47
N GLU B 77 0.63 26.91 -14.88
CA GLU B 77 0.71 25.51 -15.21
C GLU B 77 0.48 25.23 -16.68
N GLY B 78 -0.58 25.82 -17.21
CA GLY B 78 -0.96 25.64 -18.59
C GLY B 78 0.22 25.81 -19.51
N TYR B 79 0.92 26.93 -19.34
CA TYR B 79 2.10 27.24 -20.14
C TYR B 79 3.18 26.18 -19.93
N ASN B 80 3.44 25.84 -18.67
CA ASN B 80 4.49 24.89 -18.38
C ASN B 80 4.16 23.51 -18.89
N GLN B 81 2.88 23.16 -18.85
CA GLN B 81 2.44 21.92 -19.47
C GLN B 81 2.88 21.88 -20.94
N LYS B 82 2.49 22.92 -21.67
CA LYS B 82 2.83 23.04 -23.07
C LYS B 82 4.36 23.05 -23.25
N LEU B 83 5.04 23.74 -22.36
CA LEU B 83 6.49 23.78 -22.36
C LEU B 83 7.05 22.36 -22.32
N SER B 84 6.70 21.63 -21.25
CA SER B 84 7.15 20.26 -21.01
C SER B 84 6.98 19.32 -22.20
N GLU B 85 5.81 19.37 -22.83
CA GLU B 85 5.52 18.58 -24.03
C GLU B 85 6.50 18.89 -25.14
N ARG B 86 6.79 20.17 -25.35
CA ARG B 86 7.75 20.55 -26.39
C ARG B 86 9.12 19.93 -26.11
N ARG B 87 9.61 20.17 -24.90
CA ARG B 87 10.86 19.58 -24.42
C ARG B 87 10.92 18.12 -24.75
N ALA B 88 9.90 17.38 -24.36
CA ALA B 88 9.78 15.97 -24.74
C ALA B 88 9.90 15.72 -26.26
N GLU B 89 9.22 16.53 -27.07
CA GLU B 89 9.22 16.30 -28.52
C GLU B 89 10.58 16.62 -29.16
N SER B 90 11.33 17.48 -28.49
CA SER B 90 12.64 17.84 -28.99
C SER B 90 13.56 16.68 -28.78
N VAL B 91 13.32 15.94 -27.71
CA VAL B 91 14.12 14.79 -27.45
C VAL B 91 13.72 13.67 -28.37
N ALA B 92 12.42 13.51 -28.57
CA ALA B 92 11.89 12.50 -29.49
C ALA B 92 12.53 12.56 -30.88
N ALA B 93 12.78 13.76 -31.37
CA ALA B 93 13.34 13.88 -32.71
C ALA B 93 14.72 13.24 -32.82
N VAL B 94 15.53 13.42 -31.79
CA VAL B 94 16.81 12.76 -31.72
C VAL B 94 16.66 11.24 -31.82
N PHE B 95 15.82 10.68 -30.96
CA PHE B 95 15.52 9.26 -31.00
C PHE B 95 15.02 8.82 -32.37
N ARG B 96 14.32 9.71 -33.05
CA ARG B 96 13.89 9.40 -34.41
C ARG B 96 15.10 9.38 -35.33
N GLU B 97 16.02 10.34 -35.15
CA GLU B 97 17.18 10.44 -36.04
C GLU B 97 18.22 9.38 -35.73
N ALA B 98 17.93 8.56 -34.74
CA ALA B 98 18.88 7.56 -34.29
C ALA B 98 18.40 6.15 -34.63
N GLY B 99 17.21 6.06 -35.21
CA GLY B 99 16.68 4.78 -35.66
C GLY B 99 15.35 4.30 -35.07
N MET B 100 14.91 4.91 -33.98
CA MET B 100 13.73 4.43 -33.27
C MET B 100 12.45 4.83 -34.01
N PRO B 101 11.53 3.86 -34.27
CA PRO B 101 10.28 4.17 -34.98
C PRO B 101 9.51 5.21 -34.19
N ALA B 102 9.00 6.25 -34.85
CA ALA B 102 8.42 7.38 -34.13
C ALA B 102 7.23 6.98 -33.29
N ALA B 103 6.43 6.06 -33.81
CA ALA B 103 5.30 5.54 -33.07
C ALA B 103 5.74 4.84 -31.76
N ASN B 104 6.95 4.27 -31.76
CA ASN B 104 7.47 3.60 -30.60
C ASN B 104 8.02 4.61 -29.61
N ILE B 105 7.70 5.89 -29.81
CA ILE B 105 8.21 6.93 -28.93
C ILE B 105 7.08 7.75 -28.31
N GLU B 106 6.52 7.29 -27.20
CA GLU B 106 5.42 8.02 -26.57
C GLU B 106 5.85 9.37 -25.99
N VAL B 107 5.10 10.43 -26.30
CA VAL B 107 5.38 11.76 -25.75
C VAL B 107 4.34 12.18 -24.72
N ARG B 108 4.79 12.56 -23.53
CA ARG B 108 3.93 13.04 -22.45
C ARG B 108 4.51 14.31 -21.85
N GLY B 109 3.64 15.22 -21.42
CA GLY B 109 4.08 16.44 -20.77
C GLY B 109 3.55 16.57 -19.35
N LEU B 110 4.42 16.53 -18.37
CA LEU B 110 3.91 16.53 -17.01
C LEU B 110 3.93 17.92 -16.40
N GLY B 111 4.53 18.89 -17.09
CA GLY B 111 4.62 20.23 -16.56
C GLY B 111 5.24 20.28 -15.17
N MET B 112 4.83 21.28 -14.40
CA MET B 112 5.46 21.53 -13.11
C MET B 112 4.90 20.60 -12.05
N SER B 113 4.02 19.70 -12.44
CA SER B 113 3.37 18.87 -11.44
C SER B 113 4.30 17.90 -10.67
N LYS B 114 5.28 17.29 -11.34
CA LYS B 114 6.04 16.20 -10.73
C LYS B 114 7.57 16.44 -10.56
N PRO B 115 7.95 17.32 -9.61
CA PRO B 115 9.36 17.68 -9.44
C PRO B 115 10.21 16.56 -8.95
N VAL B 116 11.49 16.63 -9.30
CA VAL B 116 12.48 15.72 -8.76
C VAL B 116 13.40 16.50 -7.78
N ALA B 117 13.26 17.81 -7.73
CA ALA B 117 14.10 18.60 -6.84
C ALA B 117 13.42 19.78 -6.17
N ASP B 118 14.11 20.39 -5.22
CA ASP B 118 13.61 21.56 -4.51
C ASP B 118 13.57 22.74 -5.45
N ASN B 119 12.37 23.24 -5.73
CA ASN B 119 12.23 24.41 -6.58
C ASN B 119 12.51 25.69 -5.78
N LYS B 120 12.73 25.53 -4.47
CA LYS B 120 13.05 26.65 -3.59
C LYS B 120 14.52 26.96 -3.69
N THR B 121 15.14 26.39 -4.71
CA THR B 121 16.59 26.45 -4.90
C THR B 121 16.94 26.46 -6.42
N ARG B 122 17.87 27.34 -6.79
CA ARG B 122 18.22 27.55 -8.21
C ARG B 122 18.69 26.26 -8.87
N ALA B 123 19.64 25.61 -8.19
CA ALA B 123 20.10 24.27 -8.51
C ALA B 123 18.97 23.29 -8.82
N GLY B 124 18.07 23.13 -7.85
CA GLY B 124 16.93 22.26 -7.97
C GLY B 124 16.15 22.54 -9.22
N ARG B 125 15.82 23.81 -9.44
CA ARG B 125 15.05 24.25 -10.61
C ARG B 125 15.71 23.85 -11.92
N SER B 126 17.03 23.86 -11.96
CA SER B 126 17.74 23.44 -13.16
C SER B 126 17.47 21.97 -13.39
N GLU B 127 17.66 21.19 -12.33
CA GLU B 127 17.44 19.75 -12.40
C GLU B 127 15.98 19.38 -12.65
N ASN B 128 15.08 20.36 -12.61
CA ASN B 128 13.67 20.05 -12.83
C ASN B 128 13.29 20.23 -14.30
N ARG B 129 14.00 21.11 -14.96
CA ARG B 129 13.75 21.33 -16.38
C ARG B 129 14.45 20.23 -17.17
N ARG B 130 13.75 19.10 -17.26
CA ARG B 130 14.38 17.91 -17.75
C ARG B 130 13.41 17.12 -18.62
N VAL B 131 13.94 16.32 -19.53
CA VAL B 131 13.13 15.26 -20.07
C VAL B 131 13.59 13.98 -19.38
N ALA B 132 12.64 13.12 -18.99
CA ALA B 132 12.99 11.83 -18.40
C ALA B 132 12.68 10.63 -19.31
N ILE B 133 13.75 9.97 -19.73
CA ILE B 133 13.64 8.82 -20.59
C ILE B 133 13.24 7.61 -19.75
N ILE B 134 12.06 7.07 -20.03
CA ILE B 134 11.61 5.85 -19.38
C ILE B 134 11.55 4.75 -20.42
N VAL B 135 12.10 3.58 -20.10
CA VAL B 135 12.02 2.43 -21.00
C VAL B 135 10.95 1.44 -20.53
N PRO B 136 9.89 1.26 -21.33
CA PRO B 136 8.79 0.37 -20.96
C PRO B 136 9.12 -1.09 -21.25
N ALA B 137 8.43 -1.99 -20.54
CA ALA B 137 8.70 -3.42 -20.60
C ALA B 137 8.02 -4.10 -21.79
N ARG C 7 12.46 5.86 19.53
CA ARG C 7 11.34 5.44 18.68
C ARG C 7 11.41 3.96 18.36
N THR C 8 10.24 3.32 18.34
CA THR C 8 10.10 1.91 17.97
C THR C 8 10.62 1.57 16.57
N SER C 9 11.00 0.31 16.36
CA SER C 9 11.51 -0.12 15.06
C SER C 9 10.56 -1.07 14.34
N ILE C 10 10.86 -1.33 13.07
CA ILE C 10 10.02 -2.20 12.23
C ILE C 10 9.82 -3.61 12.80
N GLU C 11 10.86 -4.24 13.33
CA GLU C 11 10.66 -5.61 13.80
C GLU C 11 9.96 -5.68 15.15
N GLN C 12 10.17 -4.65 15.94
CA GLN C 12 9.59 -4.58 17.28
C GLN C 12 8.09 -4.31 17.20
N ARG C 13 7.70 -3.52 16.21
CA ARG C 13 6.30 -3.32 15.90
C ARG C 13 5.69 -4.59 15.29
N SER C 14 6.49 -5.33 14.53
CA SER C 14 6.04 -6.57 13.90
C SER C 14 5.66 -7.69 14.88
N ASN C 15 6.31 -7.73 16.03
CA ASN C 15 5.99 -8.72 17.06
C ASN C 15 4.86 -8.22 17.91
N ALA C 16 4.80 -6.90 18.07
CA ALA C 16 3.69 -6.30 18.77
C ALA C 16 2.40 -6.66 18.05
N VAL C 17 2.41 -6.52 16.71
CA VAL C 17 1.27 -6.98 15.91
C VAL C 17 0.97 -8.47 16.19
N SER C 18 1.98 -9.34 16.06
CA SER C 18 1.85 -10.76 16.42
C SER C 18 1.15 -10.95 17.76
N GLN C 19 1.64 -10.25 18.78
CA GLN C 19 1.06 -10.32 20.10
C GLN C 19 -0.41 -9.87 20.11
N VAL C 20 -0.70 -8.67 19.61
CA VAL C 20 -2.07 -8.14 19.68
C VAL C 20 -3.00 -9.08 18.96
N LEU C 21 -2.59 -9.54 17.79
CA LEU C 21 -3.41 -10.49 17.05
C LEU C 21 -3.79 -11.67 17.94
N LEU C 22 -2.79 -12.35 18.50
CA LEU C 22 -3.08 -13.47 19.40
C LEU C 22 -4.09 -13.09 20.48
N GLY C 23 -3.81 -11.98 21.17
CA GLY C 23 -4.75 -11.43 22.14
C GLY C 23 -6.18 -11.38 21.64
N ILE C 24 -6.39 -10.72 20.51
CA ILE C 24 -7.71 -10.67 19.89
C ILE C 24 -8.32 -12.05 19.60
N PHE C 25 -7.48 -12.99 19.19
CA PHE C 25 -7.99 -14.31 18.78
C PHE C 25 -8.76 -15.00 19.90
N SER C 26 -8.33 -14.77 21.14
CA SER C 26 -8.95 -15.43 22.26
C SER C 26 -10.43 -15.05 22.48
N TYR C 27 -10.82 -13.83 22.09
CA TYR C 27 -12.18 -13.35 22.33
C TYR C 27 -13.09 -13.70 21.16
N VAL C 28 -12.59 -14.54 20.27
CA VAL C 28 -13.31 -14.86 19.06
C VAL C 28 -13.71 -16.33 19.08
N ARG C 29 -14.74 -16.71 18.36
CA ARG C 29 -15.20 -18.09 18.34
C ARG C 29 -15.78 -18.45 16.98
N TRP C 30 -15.14 -19.37 16.27
CA TRP C 30 -15.71 -19.81 15.01
C TRP C 30 -16.82 -20.78 15.28
N PRO C 31 -17.73 -20.93 14.32
CA PRO C 31 -18.81 -21.87 14.60
C PRO C 31 -18.28 -23.29 14.46
N LYS C 32 -17.24 -23.50 13.65
CA LYS C 32 -16.62 -24.81 13.53
C LYS C 32 -15.14 -24.71 13.83
N GLU C 33 -14.79 -24.59 15.10
CA GLU C 33 -13.39 -24.48 15.49
C GLU C 33 -12.49 -25.48 14.80
N PRO C 34 -11.62 -24.99 13.92
CA PRO C 34 -10.62 -25.76 13.17
C PRO C 34 -9.49 -26.28 14.05
N ALA C 35 -8.80 -27.34 13.62
CA ALA C 35 -7.67 -27.91 14.34
C ALA C 35 -6.46 -27.00 14.24
N VAL C 36 -6.31 -26.42 13.06
CA VAL C 36 -5.28 -25.41 12.82
C VAL C 36 -5.92 -24.17 12.23
N LEU C 37 -5.75 -23.05 12.94
CA LEU C 37 -6.31 -21.78 12.53
C LEU C 37 -5.61 -21.33 11.25
N GLN C 38 -6.39 -20.99 10.22
CA GLN C 38 -5.77 -20.54 8.98
C GLN C 38 -5.80 -19.02 8.85
N LEU C 39 -4.61 -18.44 8.87
CA LEU C 39 -4.42 -17.01 8.68
C LEU C 39 -3.99 -16.74 7.23
N CYS C 40 -4.69 -15.81 6.59
CA CYS C 40 -4.26 -15.32 5.30
C CYS C 40 -3.87 -13.86 5.47
N VAL C 41 -2.62 -13.54 5.15
CA VAL C 41 -2.19 -12.15 5.09
C VAL C 41 -2.33 -11.70 3.65
N VAL C 42 -3.03 -10.59 3.44
CA VAL C 42 -3.50 -10.26 2.10
C VAL C 42 -3.12 -8.85 1.67
N GLY C 43 -2.35 -8.75 0.60
CA GLY C 43 -1.90 -7.45 0.10
C GLY C 43 -0.61 -6.98 0.75
N PRO C 44 -0.15 -5.79 0.35
CA PRO C 44 1.12 -5.17 0.79
C PRO C 44 1.19 -5.03 2.29
N THR C 45 2.28 -5.43 2.93
CA THR C 45 2.41 -5.27 4.39
C THR C 45 3.75 -4.71 4.86
N GLU C 46 3.71 -4.06 6.02
CA GLU C 46 4.90 -3.60 6.71
C GLU C 46 5.16 -4.54 7.89
N TYR C 47 4.12 -5.10 8.48
CA TYR C 47 4.29 -5.74 9.78
C TYR C 47 3.87 -7.20 9.89
N ALA C 48 3.59 -7.83 8.76
CA ALA C 48 3.11 -9.21 8.80
C ALA C 48 4.21 -10.28 8.78
N ASP C 49 5.46 -9.87 9.00
CA ASP C 49 6.57 -10.78 8.88
C ASP C 49 6.56 -11.80 10.02
N GLY C 50 6.50 -11.29 11.25
CA GLY C 50 6.37 -12.14 12.42
C GLY C 50 5.20 -13.11 12.35
N LEU C 51 4.01 -12.57 12.09
CA LEU C 51 2.84 -13.38 11.77
C LEU C 51 3.16 -14.53 10.81
N LEU C 52 3.96 -14.22 9.80
CA LEU C 52 4.09 -15.13 8.68
C LEU C 52 4.95 -16.31 9.08
N ARG C 53 5.58 -16.20 10.25
CA ARG C 53 6.43 -17.27 10.75
C ARG C 53 5.63 -18.38 11.42
N GLY C 54 4.31 -18.25 11.37
CA GLY C 54 3.44 -19.13 12.13
C GLY C 54 3.43 -18.71 13.58
N MSE C 55 2.36 -19.09 14.29
CA MSE C 55 2.20 -18.84 15.72
C MSE C 55 1.41 -19.95 16.41
O MSE C 55 0.95 -20.90 15.76
CB MSE C 55 1.45 -17.55 15.94
CG MSE C 55 2.13 -16.31 15.45
SE MSE C 55 0.88 -14.87 15.64
CE MSE C 55 -0.50 -15.53 14.40
N VAL C 56 1.25 -19.82 17.72
CA VAL C 56 0.41 -20.72 18.49
C VAL C 56 -0.40 -19.94 19.55
N GLN C 57 -1.69 -20.18 19.59
CA GLN C 57 -2.49 -19.54 20.61
C GLN C 57 -2.44 -20.37 21.88
N ALA C 58 -2.71 -19.72 23.01
CA ALA C 58 -2.70 -20.34 24.32
C ALA C 58 -3.56 -21.62 24.46
N ASN C 59 -4.51 -21.85 23.55
CA ASN C 59 -5.43 -22.98 23.71
C ASN C 59 -4.83 -24.28 23.18
N GLY C 60 -3.63 -24.19 22.64
CA GLY C 60 -2.94 -25.34 22.09
C GLY C 60 -2.84 -25.31 20.57
N ARG C 61 -3.68 -24.48 19.93
CA ARG C 61 -3.81 -24.44 18.47
C ARG C 61 -2.70 -23.69 17.73
N ARG C 62 -2.09 -24.35 16.75
CA ARG C 62 -1.17 -23.69 15.85
C ARG C 62 -1.95 -22.77 14.91
N VAL C 63 -1.43 -21.58 14.68
CA VAL C 63 -1.97 -20.70 13.67
C VAL C 63 -1.01 -20.68 12.50
N HIS C 64 -1.44 -21.20 11.36
CA HIS C 64 -0.62 -21.24 10.17
C HIS C 64 -0.95 -20.04 9.29
N ALA C 65 0.08 -19.42 8.69
CA ALA C 65 -0.14 -18.19 7.94
C ALA C 65 0.55 -18.14 6.59
N GLU C 66 -0.20 -17.79 5.55
CA GLU C 66 0.42 -17.35 4.29
C GLU C 66 -0.19 -16.11 3.69
N ARG C 67 0.50 -15.58 2.69
CA ARG C 67 -0.04 -14.46 1.94
C ARG C 67 -0.94 -15.00 0.84
N ARG C 68 -1.98 -14.26 0.48
CA ARG C 68 -2.79 -14.66 -0.66
C ARG C 68 -3.15 -13.52 -1.56
N ALA C 69 -3.48 -13.84 -2.80
CA ALA C 69 -3.82 -12.84 -3.79
C ALA C 69 -5.17 -12.17 -3.50
N VAL C 70 -5.21 -10.85 -3.73
CA VAL C 70 -6.44 -10.08 -3.55
C VAL C 70 -7.58 -10.62 -4.43
N ASP C 71 -7.28 -10.94 -5.68
CA ASP C 71 -8.26 -11.50 -6.60
C ASP C 71 -8.60 -12.99 -6.36
N ASN C 72 -8.14 -13.55 -5.24
CA ASN C 72 -8.46 -14.93 -4.91
C ASN C 72 -9.90 -15.07 -4.39
N PRO C 73 -10.78 -15.69 -5.20
CA PRO C 73 -12.21 -15.83 -4.87
C PRO C 73 -12.41 -16.75 -3.68
N ASP C 74 -11.69 -17.86 -3.62
CA ASP C 74 -11.90 -18.80 -2.52
C ASP C 74 -11.26 -18.31 -1.23
N LEU C 75 -11.03 -17.01 -1.09
CA LEU C 75 -10.55 -16.45 0.17
C LEU C 75 -11.42 -16.89 1.34
N GLY C 76 -12.74 -16.91 1.14
CA GLY C 76 -13.66 -17.21 2.22
C GLY C 76 -13.57 -18.60 2.84
N THR C 77 -13.44 -19.61 1.98
CA THR C 77 -13.38 -20.99 2.43
C THR C 77 -11.98 -21.39 2.86
N LEU C 78 -10.98 -20.55 2.54
CA LEU C 78 -9.57 -20.84 2.84
C LEU C 78 -9.01 -20.22 4.14
N CYS C 79 -9.60 -19.11 4.59
CA CYS C 79 -9.09 -18.36 5.75
C CYS C 79 -10.10 -18.28 6.89
N ASN C 80 -9.61 -18.38 8.13
CA ASN C 80 -10.47 -18.13 9.28
C ASN C 80 -10.25 -16.69 9.66
N VAL C 81 -9.00 -16.28 9.52
CA VAL C 81 -8.57 -14.93 9.83
C VAL C 81 -7.93 -14.31 8.61
N ILE C 82 -8.36 -13.12 8.26
CA ILE C 82 -7.72 -12.42 7.18
C ILE C 82 -7.09 -11.15 7.76
N TYR C 83 -5.87 -10.88 7.32
CA TYR C 83 -5.10 -9.72 7.75
C TYR C 83 -4.82 -8.93 6.51
N LEU C 84 -5.43 -7.75 6.44
CA LEU C 84 -5.55 -6.98 5.21
C LEU C 84 -4.53 -5.87 5.13
N GLY C 85 -3.78 -5.84 4.04
CA GLY C 85 -2.77 -4.81 3.85
C GLY C 85 -3.28 -3.52 3.20
N VAL C 86 -2.35 -2.73 2.71
CA VAL C 86 -2.70 -1.51 2.00
C VAL C 86 -3.33 -1.86 0.66
N VAL C 87 -4.64 -1.69 0.55
CA VAL C 87 -5.37 -2.03 -0.67
C VAL C 87 -6.34 -0.88 -1.05
N ASP C 88 -6.48 -0.60 -2.34
CA ASP C 88 -7.35 0.50 -2.74
C ASP C 88 -8.81 0.18 -2.44
N GLU C 89 -9.71 1.11 -2.75
CA GLU C 89 -11.13 0.88 -2.47
C GLU C 89 -11.64 -0.28 -3.33
N ARG C 90 -11.12 -0.42 -4.55
CA ARG C 90 -11.63 -1.45 -5.42
C ARG C 90 -11.36 -2.81 -4.82
N GLU C 91 -10.08 -3.04 -4.52
CA GLU C 91 -9.62 -4.32 -3.97
C GLU C 91 -10.35 -4.66 -2.66
N ARG C 92 -10.43 -3.67 -1.79
CA ARG C 92 -11.09 -3.80 -0.51
C ARG C 92 -12.50 -4.32 -0.72
N GLN C 93 -13.21 -3.73 -1.69
CA GLN C 93 -14.57 -4.16 -1.96
C GLN C 93 -14.52 -5.58 -2.44
N GLN C 94 -13.57 -5.86 -3.32
CA GLN C 94 -13.44 -7.18 -3.91
C GLN C 94 -13.28 -8.26 -2.83
N VAL C 95 -12.31 -8.04 -1.94
CA VAL C 95 -12.04 -8.96 -0.85
C VAL C 95 -13.30 -9.24 -0.06
N PHE C 96 -13.94 -8.20 0.46
CA PHE C 96 -15.11 -8.44 1.30
C PHE C 96 -16.28 -9.11 0.60
N ARG C 97 -16.40 -8.93 -0.71
CA ARG C 97 -17.33 -9.74 -1.50
C ARG C 97 -16.95 -11.21 -1.36
N SER C 98 -15.65 -11.49 -1.34
CA SER C 98 -15.15 -12.86 -1.21
C SER C 98 -15.44 -13.43 0.18
N LEU C 99 -15.53 -12.54 1.16
CA LEU C 99 -15.71 -12.98 2.53
C LEU C 99 -17.18 -13.13 2.92
N ALA C 100 -18.01 -12.21 2.48
CA ALA C 100 -19.44 -12.18 2.83
C ALA C 100 -20.05 -13.57 2.91
N GLY C 101 -20.51 -13.93 4.10
CA GLY C 101 -21.15 -15.22 4.32
C GLY C 101 -20.28 -16.23 5.05
N HIS C 102 -18.97 -16.13 4.85
CA HIS C 102 -18.06 -17.08 5.47
C HIS C 102 -17.70 -16.63 6.87
N PRO C 103 -17.56 -17.59 7.79
CA PRO C 103 -17.23 -17.23 9.17
C PRO C 103 -15.78 -16.81 9.29
N VAL C 104 -15.45 -15.61 8.80
CA VAL C 104 -14.06 -15.15 8.81
C VAL C 104 -13.85 -13.94 9.73
N LEU C 105 -12.69 -13.88 10.39
CA LEU C 105 -12.30 -12.74 11.22
C LEU C 105 -11.39 -11.84 10.39
N SER C 106 -11.49 -10.52 10.56
CA SER C 106 -10.76 -9.61 9.66
C SER C 106 -10.08 -8.45 10.38
N ILE C 107 -8.82 -8.19 10.06
CA ILE C 107 -8.06 -7.10 10.66
C ILE C 107 -7.25 -6.31 9.65
N SER C 108 -7.34 -4.99 9.71
CA SER C 108 -6.54 -4.14 8.85
C SER C 108 -5.27 -3.66 9.55
N GLU C 109 -4.16 -3.63 8.82
CA GLU C 109 -2.91 -3.08 9.32
C GLU C 109 -3.03 -1.58 9.62
N ARG C 110 -3.68 -0.87 8.71
CA ARG C 110 -3.83 0.56 8.85
C ARG C 110 -5.21 0.89 9.39
N GLY C 111 -5.26 1.69 10.45
CA GLY C 111 -6.53 2.02 11.08
C GLY C 111 -7.17 3.25 10.45
N THR C 112 -7.35 3.23 9.14
CA THR C 112 -7.92 4.40 8.47
C THR C 112 -9.20 4.14 7.67
N GLU C 113 -9.32 2.96 7.08
CA GLU C 113 -10.58 2.55 6.45
C GLU C 113 -11.31 1.61 7.39
N CYS C 114 -11.89 2.15 8.45
CA CYS C 114 -12.67 1.32 9.37
C CYS C 114 -14.16 1.54 9.17
N SER C 115 -14.47 2.53 8.35
CA SER C 115 -15.84 2.87 8.00
C SER C 115 -16.64 1.67 7.50
N VAL C 116 -16.02 0.88 6.64
CA VAL C 116 -16.65 -0.34 6.14
C VAL C 116 -15.57 -1.42 5.95
N GLY C 117 -15.92 -2.67 6.24
CA GLY C 117 -15.08 -3.80 5.90
C GLY C 117 -14.50 -4.55 7.10
N SER C 118 -13.26 -4.24 7.42
CA SER C 118 -12.55 -4.89 8.51
C SER C 118 -13.27 -4.71 9.84
N MSE C 119 -13.26 -5.75 10.65
CA MSE C 119 -13.81 -5.68 11.99
C MSE C 119 -12.90 -4.84 12.88
O MSE C 119 -13.38 -3.99 13.65
CB MSE C 119 -13.92 -7.08 12.57
CG MSE C 119 -14.95 -7.90 11.91
SE MSE C 119 -14.64 -9.78 12.18
CE MSE C 119 -14.76 -10.24 10.30
N PHE C 120 -11.60 -5.11 12.79
CA PHE C 120 -10.58 -4.39 13.54
C PHE C 120 -9.57 -3.77 12.60
N CYS C 121 -9.14 -2.55 12.88
CA CYS C 121 -8.14 -1.87 12.07
C CYS C 121 -7.07 -1.28 12.99
N LEU C 122 -5.83 -1.73 12.85
CA LEU C 122 -4.79 -1.44 13.81
C LEU C 122 -4.21 -0.02 13.68
N ASN C 123 -3.47 0.40 14.72
CA ASN C 123 -2.63 1.59 14.68
C ASN C 123 -1.22 1.26 15.16
N VAL C 124 -0.32 1.06 14.21
CA VAL C 124 0.95 0.40 14.50
C VAL C 124 2.13 1.34 14.70
N GLY C 125 2.12 2.49 14.04
CA GLY C 125 3.11 3.50 14.38
C GLY C 125 2.89 3.82 15.84
N GLY C 126 3.93 4.26 16.54
CA GLY C 126 3.71 4.75 17.88
C GLY C 126 3.91 3.78 19.02
N PRO C 127 4.02 4.31 20.25
CA PRO C 127 4.53 3.74 21.49
C PRO C 127 3.83 2.46 21.88
N ARG C 128 2.52 2.43 21.73
CA ARG C 128 1.79 1.20 21.94
C ARG C 128 0.84 1.02 20.76
N ILE C 129 0.27 -0.16 20.63
CA ILE C 129 -0.59 -0.47 19.50
C ILE C 129 -2.04 -0.32 19.90
N THR C 130 -2.72 0.67 19.35
CA THR C 130 -4.14 0.78 19.54
C THR C 130 -4.83 0.21 18.32
N PHE C 131 -6.15 0.20 18.35
CA PHE C 131 -6.96 -0.18 17.20
C PHE C 131 -8.38 0.33 17.33
N GLU C 132 -9.06 0.41 16.19
CA GLU C 132 -10.45 0.79 16.19
C GLU C 132 -11.29 -0.42 15.79
N ALA C 133 -12.55 -0.44 16.21
CA ALA C 133 -13.41 -1.58 15.89
C ALA C 133 -14.70 -1.10 15.29
N ASN C 134 -15.24 -1.93 14.41
CA ASN C 134 -16.47 -1.62 13.71
C ASN C 134 -17.50 -2.69 14.03
N LEU C 135 -18.37 -2.41 14.99
CA LEU C 135 -19.34 -3.41 15.46
C LEU C 135 -20.28 -3.92 14.35
N ASP C 136 -20.57 -3.10 13.36
CA ASP C 136 -21.38 -3.52 12.23
C ASP C 136 -20.62 -4.63 11.51
N SER C 137 -19.41 -4.29 11.10
CA SER C 137 -18.49 -5.25 10.52
C SER C 137 -18.37 -6.51 11.37
N ILE C 138 -18.34 -6.35 12.68
CA ILE C 138 -18.33 -7.50 13.57
C ILE C 138 -19.65 -8.29 13.51
N ALA C 139 -20.78 -7.58 13.42
CA ALA C 139 -22.09 -8.23 13.39
C ALA C 139 -22.27 -9.10 12.15
N ARG C 140 -21.64 -8.69 11.06
CA ARG C 140 -21.76 -9.44 9.83
C ARG C 140 -20.68 -10.52 9.70
N SER C 141 -19.71 -10.49 10.60
CA SER C 141 -18.53 -11.38 10.55
C SER C 141 -18.84 -12.88 10.39
N GLY C 142 -19.83 -13.38 11.11
CA GLY C 142 -20.13 -14.79 11.12
C GLY C 142 -19.41 -15.53 12.23
N VAL C 143 -18.56 -14.78 12.95
CA VAL C 143 -17.84 -15.30 14.12
C VAL C 143 -18.18 -14.50 15.38
N ARG C 144 -18.18 -15.19 16.53
CA ARG C 144 -18.59 -14.56 17.78
C ARG C 144 -17.45 -13.76 18.37
N VAL C 145 -17.66 -12.46 18.62
CA VAL C 145 -16.61 -11.64 19.20
C VAL C 145 -16.99 -10.98 20.52
N HIS C 146 -16.46 -11.48 21.64
CA HIS C 146 -16.87 -10.98 22.95
C HIS C 146 -16.41 -9.54 23.22
N PRO C 147 -17.32 -8.67 23.67
CA PRO C 147 -17.10 -7.23 23.86
C PRO C 147 -15.87 -6.89 24.70
N SER C 148 -15.50 -7.78 25.61
CA SER C 148 -14.38 -7.47 26.47
C SER C 148 -13.06 -7.35 25.68
N VAL C 149 -13.09 -7.66 24.39
CA VAL C 149 -11.89 -7.55 23.57
C VAL C 149 -11.42 -6.11 23.49
N LEU C 150 -12.37 -5.17 23.59
CA LEU C 150 -12.10 -3.74 23.41
C LEU C 150 -11.27 -3.17 24.56
N LYS C 151 -11.08 -3.96 25.60
CA LYS C 151 -10.21 -3.56 26.70
C LYS C 151 -8.76 -3.59 26.23
N LEU C 152 -8.50 -4.37 25.19
CA LEU C 152 -7.12 -4.52 24.67
C LEU C 152 -6.55 -3.22 24.18
N ALA C 153 -7.23 -2.57 23.22
CA ALA C 153 -6.73 -1.33 22.60
C ALA C 153 -6.48 -0.25 23.63
N ARG C 154 -7.36 -0.21 24.63
CA ARG C 154 -7.34 0.82 25.65
C ARG C 154 -6.20 0.64 26.68
N ARG C 155 -5.84 -0.60 27.00
CA ARG C 155 -4.79 -0.88 27.99
C ARG C 155 -3.43 -0.34 27.56
N GLN C 156 -3.18 -0.36 26.26
CA GLN C 156 -1.92 0.11 25.72
C GLN C 156 -1.96 1.60 25.40
N ALA C 157 -3.15 2.13 25.16
CA ALA C 157 -3.31 3.58 24.93
C ALA C 157 -3.13 4.38 26.24
N THR C 158 -3.44 3.74 27.38
CA THR C 158 -3.36 4.38 28.69
C THR C 158 -1.98 4.95 29.03
N PRO C 159 -1.92 5.98 29.89
CA PRO C 159 -0.64 6.56 30.33
C PRO C 159 -0.25 6.11 31.74
N GLU D 15 -4.15 -13.09 26.11
CA GLU D 15 -4.96 -14.21 25.64
C GLU D 15 -6.01 -14.75 26.63
N GLN D 16 -6.58 -13.87 27.45
CA GLN D 16 -7.55 -14.32 28.46
C GLN D 16 -8.96 -14.46 27.94
N GLY D 17 -9.15 -14.23 26.64
CA GLY D 17 -10.45 -14.46 26.03
C GLY D 17 -10.78 -15.93 26.18
N PHE D 18 -9.75 -16.75 26.37
CA PHE D 18 -9.93 -18.17 26.59
C PHE D 18 -10.55 -18.51 27.94
N GLU D 19 -10.64 -17.54 28.84
CA GLU D 19 -11.32 -17.75 30.10
C GLU D 19 -12.83 -17.58 29.89
N LEU D 20 -13.20 -16.78 28.88
CA LEU D 20 -14.59 -16.40 28.66
C LEU D 20 -15.49 -17.61 28.43
N ARG D 21 -16.55 -17.71 29.18
CA ARG D 21 -17.49 -18.78 29.00
C ARG D 21 -18.69 -18.32 28.27
N ASP D 22 -19.89 -18.50 28.79
CA ASP D 22 -20.97 -18.18 27.92
C ASP D 22 -21.65 -16.88 28.25
N GLU D 23 -20.92 -15.96 28.84
CA GLU D 23 -21.50 -14.70 29.33
C GLU D 23 -21.23 -13.42 28.53
N GLY D 24 -22.32 -12.81 28.04
CA GLY D 24 -22.24 -11.46 27.49
C GLY D 24 -21.76 -11.27 26.07
N TRP D 25 -22.20 -12.14 25.17
CA TRP D 25 -21.73 -12.10 23.81
C TRP D 25 -22.67 -11.25 22.97
N GLU D 26 -22.58 -9.95 23.16
CA GLU D 26 -23.59 -9.06 22.62
C GLU D 26 -23.25 -8.48 21.25
N PHE D 27 -22.15 -8.92 20.64
CA PHE D 27 -21.82 -8.38 19.31
C PHE D 27 -22.17 -9.33 18.15
N GLY D 28 -23.21 -10.14 18.33
CA GLY D 28 -23.58 -11.16 17.37
C GLY D 28 -24.29 -10.66 16.12
N MET D 29 -24.86 -11.59 15.36
CA MET D 29 -25.56 -11.27 14.12
C MET D 29 -26.74 -10.30 14.30
N SER D 30 -27.54 -10.53 15.34
CA SER D 30 -28.76 -9.75 15.54
C SER D 30 -28.57 -8.29 15.97
N SER D 31 -27.31 -7.83 15.99
CA SER D 31 -26.98 -6.53 16.57
C SER D 31 -26.60 -5.51 15.49
N LYS D 32 -27.21 -5.67 14.32
CA LYS D 32 -27.04 -4.73 13.23
C LYS D 32 -28.14 -3.69 13.31
N VAL D 33 -27.77 -2.41 13.17
CA VAL D 33 -28.74 -1.34 13.35
C VAL D 33 -29.29 -0.91 11.99
N LEU D 34 -30.23 -1.68 11.46
CA LEU D 34 -30.73 -1.41 10.13
C LEU D 34 -31.95 -0.51 10.19
N PHE D 35 -32.16 0.25 9.11
CA PHE D 35 -33.31 1.14 9.02
C PHE D 35 -34.22 0.76 7.88
N GLY D 36 -35.50 1.07 8.06
CA GLY D 36 -36.47 0.95 7.00
C GLY D 36 -36.25 2.03 5.96
N ASN D 37 -36.66 1.72 4.75
CA ASN D 37 -36.48 2.62 3.63
C ASN D 37 -36.99 4.01 3.99
N ASN D 38 -36.20 5.02 3.70
CA ASN D 38 -36.48 6.40 4.05
C ASN D 38 -36.80 6.70 5.54
N LEU D 39 -36.48 5.77 6.44
CA LEU D 39 -36.70 5.99 7.87
C LEU D 39 -35.43 6.40 8.62
N ASP D 40 -35.58 7.24 9.66
CA ASP D 40 -34.46 7.57 10.53
C ASP D 40 -34.72 7.27 12.01
N ARG D 41 -35.99 7.20 12.40
CA ARG D 41 -36.33 6.74 13.73
C ARG D 41 -36.01 5.27 13.81
N LEU D 42 -35.90 4.79 15.05
CA LEU D 42 -35.74 3.37 15.32
C LEU D 42 -37.01 2.78 15.90
N ASN D 43 -37.37 1.60 15.42
CA ASN D 43 -38.48 0.85 15.99
C ASN D 43 -37.99 0.18 17.26
N PRO D 44 -38.90 0.01 18.24
CA PRO D 44 -38.63 -0.51 19.59
C PRO D 44 -37.70 -1.71 19.69
N ASP D 45 -37.79 -2.69 18.79
CA ASP D 45 -36.86 -3.81 18.86
C ASP D 45 -35.40 -3.37 18.77
N SER D 46 -35.14 -2.46 17.82
CA SER D 46 -33.79 -1.95 17.58
C SER D 46 -33.31 -1.13 18.77
N ARG D 47 -34.22 -0.35 19.35
CA ARG D 47 -33.91 0.45 20.52
C ARG D 47 -33.50 -0.47 21.65
N ASN D 48 -34.26 -1.53 21.82
CA ASN D 48 -33.91 -2.58 22.76
C ASN D 48 -32.48 -3.08 22.51
N THR D 49 -32.26 -3.65 21.32
CA THR D 49 -30.94 -4.07 20.87
C THR D 49 -29.90 -3.01 21.17
N LEU D 50 -30.10 -1.82 20.61
CA LEU D 50 -29.19 -0.68 20.81
C LEU D 50 -28.80 -0.48 22.26
N THR D 51 -29.78 -0.58 23.16
CA THR D 51 -29.53 -0.40 24.58
C THR D 51 -28.60 -1.47 25.13
N LYS D 52 -28.87 -2.72 24.81
CA LYS D 52 -28.01 -3.82 25.29
C LYS D 52 -26.56 -3.63 24.86
N ILE D 53 -26.37 -3.02 23.70
CA ILE D 53 -25.04 -2.79 23.14
C ILE D 53 -24.32 -1.62 23.80
N ALA D 54 -25.07 -0.55 24.07
CA ALA D 54 -24.50 0.60 24.76
C ALA D 54 -24.04 0.17 26.15
N ARG D 55 -24.88 -0.62 26.81
CA ARG D 55 -24.64 -1.12 28.15
C ARG D 55 -23.39 -2.00 28.20
N ALA D 56 -23.33 -2.96 27.29
CA ALA D 56 -22.17 -3.85 27.13
C ALA D 56 -20.86 -3.08 27.07
N LEU D 57 -20.76 -2.14 26.14
CA LEU D 57 -19.56 -1.33 25.99
C LEU D 57 -19.16 -0.63 27.28
N LEU D 58 -20.15 -0.03 27.93
CA LEU D 58 -19.93 0.74 29.15
C LEU D 58 -19.44 -0.16 30.27
N ALA D 59 -19.99 -1.37 30.30
CA ALA D 59 -19.57 -2.36 31.28
C ALA D 59 -18.07 -2.64 31.13
N VAL D 60 -17.57 -2.54 29.90
CA VAL D 60 -16.16 -2.84 29.64
C VAL D 60 -15.34 -1.56 29.60
N ASP D 61 -15.84 -0.52 30.28
CA ASP D 61 -15.13 0.75 30.42
C ASP D 61 -14.84 1.35 29.07
N ILE D 62 -15.81 1.27 28.16
CA ILE D 62 -15.76 2.04 26.93
C ILE D 62 -16.87 3.10 26.93
N ASP D 63 -16.49 4.38 26.90
CA ASP D 63 -17.46 5.46 27.12
C ASP D 63 -17.57 6.44 25.96
N LYS D 64 -16.80 6.20 24.90
CA LYS D 64 -16.71 7.12 23.78
C LYS D 64 -16.79 6.36 22.46
N VAL D 65 -17.77 6.70 21.63
CA VAL D 65 -17.91 6.04 20.33
C VAL D 65 -18.05 7.07 19.23
N ARG D 66 -17.89 6.63 18.00
CA ARG D 66 -18.26 7.41 16.84
C ARG D 66 -19.31 6.63 16.07
N LEU D 67 -20.32 7.31 15.55
CA LEU D 67 -21.42 6.63 14.92
C LEU D 67 -21.57 7.08 13.47
N GLU D 68 -21.56 6.11 12.56
CA GLU D 68 -21.59 6.40 11.14
C GLU D 68 -22.86 5.90 10.46
N GLY D 69 -23.59 6.82 9.85
CA GLY D 69 -24.89 6.50 9.25
C GLY D 69 -24.84 6.37 7.75
N HIS D 70 -25.59 5.43 7.21
CA HIS D 70 -25.51 5.13 5.79
C HIS D 70 -26.87 4.99 5.15
N THR D 71 -26.95 5.31 3.86
CA THR D 71 -28.15 5.04 3.08
C THR D 71 -27.82 4.12 1.95
N ASP D 72 -28.85 3.52 1.38
CA ASP D 72 -28.69 2.80 0.13
C ASP D 72 -28.54 3.86 -0.94
N ASN D 73 -28.61 3.46 -2.19
CA ASN D 73 -28.30 4.37 -3.28
C ASN D 73 -29.51 4.98 -3.98
N TYR D 74 -30.71 4.74 -3.45
CA TYR D 74 -31.90 5.33 -4.03
C TYR D 74 -32.03 6.79 -3.60
N GLY D 75 -32.38 7.65 -4.55
CA GLY D 75 -32.57 9.06 -4.27
C GLY D 75 -31.38 9.87 -4.73
N ASP D 76 -31.44 11.18 -4.53
CA ASP D 76 -30.27 12.02 -4.80
C ASP D 76 -29.33 12.06 -3.60
N GLU D 77 -28.05 11.94 -3.91
CA GLU D 77 -26.93 12.20 -3.02
C GLU D 77 -27.25 13.15 -1.86
N GLY D 78 -27.75 14.33 -2.20
CA GLY D 78 -28.06 15.35 -1.22
C GLY D 78 -28.95 14.91 -0.07
N TYR D 79 -30.14 14.42 -0.42
CA TYR D 79 -31.13 13.98 0.55
C TYR D 79 -30.64 12.81 1.40
N ASN D 80 -29.98 11.86 0.74
CA ASN D 80 -29.49 10.64 1.38
C ASN D 80 -28.40 10.96 2.38
N GLN D 81 -27.59 11.96 2.06
CA GLN D 81 -26.55 12.36 2.97
C GLN D 81 -27.18 12.82 4.28
N LYS D 82 -28.18 13.68 4.17
CA LYS D 82 -28.86 14.22 5.33
C LYS D 82 -29.51 13.11 6.13
N LEU D 83 -30.22 12.25 5.42
CA LEU D 83 -30.88 11.08 5.99
C LEU D 83 -29.86 10.32 6.81
N SER D 84 -28.70 10.09 6.20
CA SER D 84 -27.65 9.32 6.84
C SER D 84 -27.29 9.93 8.18
N GLU D 85 -27.26 11.25 8.23
CA GLU D 85 -26.92 11.94 9.46
C GLU D 85 -28.02 11.74 10.47
N ARG D 86 -29.27 11.83 10.02
CA ARG D 86 -30.38 11.73 10.96
C ARG D 86 -30.41 10.34 11.60
N ARG D 87 -30.09 9.32 10.81
CA ARG D 87 -30.09 7.95 11.33
C ARG D 87 -29.11 7.84 12.47
N ALA D 88 -27.90 8.33 12.23
CA ALA D 88 -26.85 8.34 13.25
C ALA D 88 -27.22 9.06 14.54
N GLU D 89 -27.78 10.27 14.43
CA GLU D 89 -28.12 11.02 15.64
C GLU D 89 -29.24 10.35 16.43
N SER D 90 -30.06 9.57 15.72
CA SER D 90 -31.12 8.81 16.40
C SER D 90 -30.53 7.70 17.22
N VAL D 91 -29.31 7.31 16.88
CA VAL D 91 -28.56 6.32 17.64
C VAL D 91 -27.82 7.00 18.78
N ALA D 92 -27.15 8.11 18.47
CA ALA D 92 -26.43 8.89 19.48
C ALA D 92 -27.35 9.27 20.64
N ALA D 93 -28.64 9.36 20.34
CA ALA D 93 -29.63 9.65 21.37
C ALA D 93 -29.71 8.50 22.35
N VAL D 94 -29.89 7.30 21.81
CA VAL D 94 -29.98 6.09 22.64
C VAL D 94 -28.72 5.90 23.46
N PHE D 95 -27.58 6.23 22.86
CA PHE D 95 -26.33 6.14 23.59
C PHE D 95 -26.27 7.14 24.75
N ARG D 96 -26.55 8.40 24.47
CA ARG D 96 -26.65 9.42 25.50
C ARG D 96 -27.58 8.94 26.61
N GLU D 97 -28.71 8.38 26.20
CA GLU D 97 -29.71 7.87 27.13
C GLU D 97 -29.19 6.74 28.01
N ALA D 98 -28.25 5.97 27.48
CA ALA D 98 -27.75 4.81 28.19
C ALA D 98 -26.79 5.17 29.32
N GLY D 99 -26.30 6.41 29.30
CA GLY D 99 -25.34 6.85 30.28
C GLY D 99 -24.04 7.30 29.63
N MET D 100 -23.96 7.17 28.31
CA MET D 100 -22.75 7.56 27.61
C MET D 100 -22.63 9.08 27.62
N PRO D 101 -21.41 9.58 27.87
CA PRO D 101 -21.14 11.01 27.84
C PRO D 101 -21.44 11.63 26.47
N ALA D 102 -22.16 12.75 26.51
CA ALA D 102 -22.54 13.47 25.30
C ALA D 102 -21.32 13.81 24.47
N ALA D 103 -20.36 14.44 25.12
CA ALA D 103 -19.14 14.93 24.47
C ALA D 103 -18.42 13.83 23.68
N ASN D 104 -18.55 12.59 24.16
CA ASN D 104 -17.77 11.47 23.65
C ASN D 104 -18.48 10.67 22.56
N ILE D 105 -19.48 11.27 21.93
CA ILE D 105 -20.23 10.57 20.90
C ILE D 105 -20.18 11.37 19.62
N GLU D 106 -19.25 11.03 18.75
CA GLU D 106 -19.10 11.68 17.46
C GLU D 106 -20.11 11.12 16.45
N VAL D 107 -20.83 12.03 15.81
CA VAL D 107 -21.82 11.69 14.81
C VAL D 107 -21.28 12.08 13.44
N ARG D 108 -21.41 11.19 12.46
CA ARG D 108 -21.00 11.48 11.08
C ARG D 108 -21.94 10.80 10.09
N GLY D 109 -22.09 11.38 8.90
CA GLY D 109 -23.01 10.82 7.92
C GLY D 109 -22.43 10.54 6.54
N LEU D 110 -22.24 9.27 6.21
CA LEU D 110 -21.57 8.94 4.97
C LEU D 110 -22.50 8.79 3.76
N GLY D 111 -23.81 8.93 3.97
CA GLY D 111 -24.75 8.78 2.88
C GLY D 111 -24.51 7.49 2.12
N MET D 112 -24.78 7.51 0.82
CA MET D 112 -24.68 6.30 0.02
C MET D 112 -23.24 5.94 -0.35
N SER D 113 -22.28 6.66 0.21
CA SER D 113 -20.91 6.65 -0.33
C SER D 113 -20.07 5.40 -0.06
N LYS D 114 -20.33 4.68 1.02
CA LYS D 114 -19.52 3.51 1.35
C LYS D 114 -20.41 2.35 1.69
N PRO D 115 -21.12 1.82 0.67
CA PRO D 115 -22.03 0.69 0.85
C PRO D 115 -21.30 -0.53 1.32
N VAL D 116 -22.02 -1.38 2.03
CA VAL D 116 -21.51 -2.64 2.51
C VAL D 116 -22.23 -3.79 1.82
N ALA D 117 -23.14 -3.46 0.90
CA ALA D 117 -23.86 -4.50 0.16
C ALA D 117 -24.28 -4.04 -1.24
N ASP D 118 -24.83 -4.99 -2.00
CA ASP D 118 -25.25 -4.72 -3.37
C ASP D 118 -26.49 -3.85 -3.41
N ASN D 119 -26.31 -2.59 -3.83
CA ASN D 119 -27.45 -1.70 -4.06
C ASN D 119 -28.25 -2.09 -5.32
N LYS D 120 -27.94 -3.25 -5.90
CA LYS D 120 -28.67 -3.74 -7.07
C LYS D 120 -29.82 -4.67 -6.69
N THR D 121 -30.04 -4.87 -5.40
CA THR D 121 -31.05 -5.81 -4.94
C THR D 121 -31.81 -5.39 -3.66
N ARG D 122 -33.04 -5.88 -3.53
CA ARG D 122 -33.97 -5.41 -2.52
C ARG D 122 -33.47 -5.59 -1.10
N ALA D 123 -32.71 -6.66 -0.83
CA ALA D 123 -32.15 -6.88 0.52
C ALA D 123 -30.74 -6.35 0.59
N GLY D 124 -30.09 -6.26 -0.57
CA GLY D 124 -28.80 -5.62 -0.62
C GLY D 124 -28.95 -4.24 0.01
N ARG D 125 -29.87 -3.46 -0.54
CA ARG D 125 -30.10 -2.08 -0.12
C ARG D 125 -30.54 -1.97 1.33
N SER D 126 -31.28 -2.97 1.78
CA SER D 126 -31.70 -3.04 3.16
C SER D 126 -30.48 -3.11 4.10
N GLU D 127 -29.46 -3.85 3.67
CA GLU D 127 -28.25 -3.98 4.48
C GLU D 127 -27.47 -2.67 4.53
N ASN D 128 -27.76 -1.75 3.62
CA ASN D 128 -27.01 -0.51 3.57
C ASN D 128 -27.61 0.61 4.41
N ARG D 129 -28.92 0.54 4.64
CA ARG D 129 -29.60 1.47 5.53
C ARG D 129 -29.33 1.09 6.98
N ARG D 130 -28.22 1.61 7.49
CA ARG D 130 -27.69 1.15 8.76
C ARG D 130 -27.02 2.30 9.41
N VAL D 131 -26.73 2.16 10.69
CA VAL D 131 -25.75 3.01 11.33
C VAL D 131 -24.68 2.08 11.89
N ALA D 132 -23.40 2.42 11.67
CA ALA D 132 -22.30 1.55 12.10
C ALA D 132 -21.55 2.01 13.36
N ILE D 133 -21.76 1.34 14.49
CA ILE D 133 -21.06 1.73 15.71
C ILE D 133 -19.58 1.41 15.63
N ILE D 134 -18.75 2.42 15.89
CA ILE D 134 -17.30 2.30 15.74
C ILE D 134 -16.64 2.71 17.03
N VAL D 135 -15.76 1.89 17.57
CA VAL D 135 -15.16 2.20 18.88
C VAL D 135 -13.72 2.69 18.72
N PRO D 136 -13.49 4.00 18.94
CA PRO D 136 -12.19 4.66 18.80
C PRO D 136 -11.07 4.09 19.68
N ALA D 137 -9.83 4.42 19.31
CA ALA D 137 -8.64 3.98 20.03
C ALA D 137 -8.63 4.42 21.49
P 5GP E . 34.21 6.19 -12.45
O1P 5GP E . 34.23 6.73 -11.06
O2P 5GP E . 32.82 5.84 -12.87
O3P 5GP E . 34.69 7.28 -13.35
O5' 5GP E . 35.19 4.92 -12.52
C5' 5GP E . 34.63 3.60 -12.47
C4' 5GP E . 35.74 2.63 -12.51
O4' 5GP E . 35.99 2.08 -11.21
C3' 5GP E . 35.49 1.46 -13.35
O3' 5GP E . 36.71 1.25 -14.03
C2' 5GP E . 35.25 0.36 -12.39
O2' 5GP E . 35.53 -0.91 -12.92
C1' 5GP E . 36.30 0.69 -11.43
N9 5GP E . 36.09 -0.03 -10.26
C8 5GP E . 36.43 0.46 -9.09
N7 5GP E . 36.12 -0.41 -8.12
C5 5GP E . 35.58 -1.50 -8.70
C6 5GP E . 35.11 -2.69 -8.14
O6 5GP E . 35.14 -2.87 -6.91
N1 5GP E . 34.60 -3.59 -8.95
C2 5GP E . 34.57 -3.40 -10.23
N2 5GP E . 34.06 -4.43 -10.96
N3 5GP E . 35.01 -2.31 -10.83
C4 5GP E . 35.54 -1.30 -10.09
#